data_2YWG
#
_entry.id   2YWG
#
_cell.length_a   81.518
_cell.length_b   116.348
_cell.length_c   122.826
_cell.angle_alpha   90.00
_cell.angle_beta   90.00
_cell.angle_gamma   90.00
#
_symmetry.space_group_name_H-M   'C 2 2 21'
#
loop_
_entity.id
_entity.type
_entity.pdbx_description
1 polymer 'GTP-binding protein LepA'
2 non-polymer "GUANOSINE-5'-TRIPHOSPHATE"
3 water water
#
_entity_poly.entity_id   1
_entity_poly.type   'polypeptide(L)'
_entity_poly.pdbx_seq_one_letter_code
;(MSE)EQKNVRNFCIIAHVDHGKSTLADRLLEYTGAISEREKREQLLDTLDVERERGITVK(MSE)QAVR(MSE)FYKAK
DGNTYKLHLIDTPGHVDFSYEVSRALAACEGALLLIDASQGIEAQTVANFWKAVEQDLVIIPVINKIDLPSADVDRVKKQ
IEEVLGLDPEEAILASAKEGIGIEEILEAIVNRIPPPKGDPQKPLKALIFDSYYDPYRGAVAFVRIFDGEVKPGDKI
(MSE)L(MSE)STGKEYEVTEVGAQTPK(MSE)TKFDKLSAGDVGYIAASIKDVRDIRIGDTITHAKNPTKEPVPGFQPA
KP(MSE)VYAGIYPAEDTTYEELRDALEKYAINDAAIVYEPESSPALG(MSE)GFRVGFLGLLH(MSE)EIVQERLEREY
GVKIITTAPNVIYRVKKKFTDEVIEVRNP(MSE)DFPDNAGLIEYVEEPFVLVTIITPKEYVGPIIQLCQEKRGIQKN
(MSE)TYLDPNTVYLEYE(MSE)PLSEIIVDFHDKIKSISRGFASYDYEFIGYRPSDLIKLTVLINKKPVDALSFIVHAD
RAQKFARRVAEKLRETIPRQLFEVHIQVAKGGKVIASERIKPLRANVTAKCYGGDVTRKKKLLENQKEGKKR(MSE)KQF
GKVQLPQEAFLSVLKVE
;
_entity_poly.pdbx_strand_id   A
#
loop_
_chem_comp.id
_chem_comp.type
_chem_comp.name
_chem_comp.formula
GTP non-polymer GUANOSINE-5'-TRIPHOSPHATE 'C10 H16 N5 O14 P3'
#
# COMPACT_ATOMS: atom_id res chain seq x y z
N MSE A 1 23.04 -25.39 -15.40
CA MSE A 1 23.54 -24.81 -16.68
C MSE A 1 22.98 -23.41 -16.93
O MSE A 1 23.63 -22.58 -17.56
CB MSE A 1 23.18 -25.73 -17.86
CG MSE A 1 21.80 -26.37 -17.78
SE MSE A 1 21.70 -27.98 -16.66
CE MSE A 1 22.19 -29.30 -18.00
N GLU A 2 21.77 -23.15 -16.42
CA GLU A 2 21.15 -21.84 -16.60
C GLU A 2 20.14 -21.49 -15.51
N GLN A 3 19.18 -22.38 -15.24
CA GLN A 3 18.17 -22.13 -14.21
C GLN A 3 18.60 -22.53 -12.80
N LYS A 4 19.78 -23.13 -12.68
CA LYS A 4 20.32 -23.53 -11.38
C LYS A 4 21.31 -22.45 -10.96
N ASN A 5 21.45 -21.45 -11.83
CA ASN A 5 22.36 -20.34 -11.60
C ASN A 5 21.54 -19.07 -11.47
N VAL A 6 20.23 -19.21 -11.33
CA VAL A 6 19.34 -18.06 -11.19
C VAL A 6 18.93 -17.79 -9.74
N ARG A 7 18.95 -16.52 -9.38
CA ARG A 7 18.56 -16.08 -8.04
C ARG A 7 17.46 -15.01 -8.08
N ASN A 8 16.24 -15.37 -7.65
CA ASN A 8 15.11 -14.43 -7.63
C ASN A 8 14.89 -13.91 -6.20
N PHE A 9 15.29 -12.66 -5.95
CA PHE A 9 15.17 -12.06 -4.63
C PHE A 9 14.58 -10.65 -4.68
N CYS A 10 14.26 -10.13 -3.51
CA CYS A 10 13.72 -8.79 -3.40
C CYS A 10 14.26 -8.19 -2.11
N ILE A 11 14.13 -6.88 -1.95
CA ILE A 11 14.61 -6.23 -0.75
C ILE A 11 13.41 -5.83 0.08
N ILE A 12 13.38 -6.32 1.31
CA ILE A 12 12.30 -6.06 2.25
C ILE A 12 12.79 -5.15 3.38
N ALA A 13 12.55 -3.86 3.26
CA ALA A 13 13.00 -2.93 4.29
C ALA A 13 11.92 -2.00 4.82
N HIS A 14 12.02 -1.66 6.09
CA HIS A 14 11.07 -0.74 6.70
C HIS A 14 11.41 0.64 6.14
N VAL A 15 10.49 1.60 6.27
CA VAL A 15 10.69 2.95 5.75
C VAL A 15 12.01 3.60 6.11
N ASP A 16 12.71 4.09 5.07
CA ASP A 16 14.02 4.75 5.17
C ASP A 16 15.18 3.96 5.77
N HIS A 17 15.15 2.63 5.71
CA HIS A 17 16.25 1.82 6.26
C HIS A 17 17.37 1.59 5.23
N GLY A 18 17.19 2.12 4.03
CA GLY A 18 18.21 2.00 3.00
C GLY A 18 17.90 1.15 1.77
N LYS A 19 16.64 0.70 1.66
CA LYS A 19 16.21 -0.14 0.53
C LYS A 19 16.68 0.31 -0.85
N SER A 20 16.35 1.53 -1.25
CA SER A 20 16.71 2.09 -2.56
C SER A 20 18.23 2.18 -2.76
N THR A 21 18.92 2.73 -1.77
CA THR A 21 20.36 2.84 -1.83
C THR A 21 20.97 1.49 -2.19
N LEU A 22 20.96 0.56 -1.23
CA LEU A 22 21.50 -0.77 -1.42
C LEU A 22 21.22 -1.40 -2.80
N ALA A 23 20.12 -1.02 -3.43
CA ALA A 23 19.82 -1.56 -4.74
C ALA A 23 20.85 -1.01 -5.72
N ASP A 24 21.10 0.29 -5.66
CA ASP A 24 22.09 0.93 -6.53
C ASP A 24 23.43 0.22 -6.36
N ARG A 25 23.84 0.02 -5.10
CA ARG A 25 25.09 -0.66 -4.76
C ARG A 25 25.24 -1.93 -5.59
N LEU A 26 24.21 -2.78 -5.52
CA LEU A 26 24.18 -4.05 -6.22
C LEU A 26 24.38 -3.94 -7.73
N LEU A 27 23.69 -2.99 -8.36
CA LEU A 27 23.85 -2.81 -9.80
C LEU A 27 25.23 -2.28 -10.11
N GLU A 28 25.61 -1.19 -9.45
CA GLU A 28 26.93 -0.61 -9.64
C GLU A 28 27.95 -1.73 -9.52
N TYR A 29 27.90 -2.43 -8.39
CA TYR A 29 28.81 -3.53 -8.10
C TYR A 29 28.73 -4.65 -9.14
N THR A 30 27.71 -4.62 -9.98
CA THR A 30 27.55 -5.67 -10.99
C THR A 30 27.65 -5.20 -12.44
N GLY A 31 27.13 -4.01 -12.75
CA GLY A 31 27.21 -3.49 -14.10
C GLY A 31 28.63 -3.47 -14.64
N ALA A 32 29.46 -2.61 -14.04
CA ALA A 32 30.86 -2.50 -14.43
C ALA A 32 31.75 -2.38 -13.19
N VAL A 56 8.87 4.64 -17.28
CA VAL A 56 9.14 3.31 -16.75
C VAL A 56 9.74 3.39 -15.34
N LYS A 57 9.17 2.61 -14.40
CA LYS A 57 9.66 2.58 -13.03
C LYS A 57 10.71 1.48 -12.90
N MSE A 58 11.44 1.46 -11.78
CA MSE A 58 12.47 0.43 -11.59
C MSE A 58 11.82 -0.89 -11.17
O MSE A 58 11.12 -0.97 -10.16
CB MSE A 58 13.47 0.87 -10.53
CG MSE A 58 14.62 -0.11 -10.36
SE MSE A 58 15.83 0.39 -8.93
CE MSE A 58 16.70 1.90 -9.80
N GLN A 59 12.07 -1.93 -11.95
CA GLN A 59 11.49 -3.21 -11.65
C GLN A 59 12.11 -4.32 -12.49
N ALA A 60 11.87 -5.57 -12.10
CA ALA A 60 12.41 -6.74 -12.81
C ALA A 60 13.83 -6.53 -13.28
N VAL A 61 14.63 -5.88 -12.43
CA VAL A 61 16.02 -5.59 -12.69
C VAL A 61 16.87 -6.87 -12.72
N ARG A 62 17.49 -7.13 -13.88
CA ARG A 62 18.35 -8.30 -14.07
C ARG A 62 19.81 -7.91 -14.11
N MSE A 63 20.64 -8.66 -13.40
CA MSE A 63 22.07 -8.38 -13.36
C MSE A 63 22.83 -9.69 -13.18
O MSE A 63 22.31 -10.63 -12.56
CB MSE A 63 22.39 -7.41 -12.23
CG MSE A 63 22.21 -8.01 -10.85
SE MSE A 63 21.86 -6.65 -9.53
CE MSE A 63 20.01 -7.11 -9.22
N PHE A 64 24.04 -9.76 -13.72
CA PHE A 64 24.88 -10.96 -13.60
C PHE A 64 25.99 -10.79 -12.55
N TYR A 65 26.29 -11.87 -11.85
CA TYR A 65 27.30 -11.86 -10.78
C TYR A 65 28.26 -13.05 -10.76
N LYS A 66 29.56 -12.75 -10.70
CA LYS A 66 30.61 -13.75 -10.63
C LYS A 66 30.85 -14.07 -9.16
N ALA A 67 30.54 -15.28 -8.74
CA ALA A 67 30.72 -15.63 -7.33
C ALA A 67 32.11 -16.20 -7.04
N LYS A 68 32.47 -16.23 -5.76
CA LYS A 68 33.76 -16.75 -5.34
C LYS A 68 33.93 -18.20 -5.77
N ASP A 69 32.81 -18.92 -5.87
CA ASP A 69 32.81 -20.34 -6.25
C ASP A 69 33.19 -20.57 -7.71
N GLY A 70 33.18 -19.49 -8.50
CA GLY A 70 33.55 -19.63 -9.90
C GLY A 70 32.64 -18.96 -10.91
N ASN A 71 31.60 -19.68 -11.33
CA ASN A 71 30.67 -19.16 -12.32
C ASN A 71 29.87 -17.91 -11.97
N THR A 72 29.19 -17.40 -13.00
CA THR A 72 28.37 -16.21 -12.90
C THR A 72 26.91 -16.62 -12.73
N TYR A 73 26.15 -15.77 -12.05
CA TYR A 73 24.74 -16.04 -11.80
C TYR A 73 23.84 -14.92 -12.30
N LYS A 74 22.64 -15.30 -12.72
CA LYS A 74 21.63 -14.35 -13.20
C LYS A 74 20.78 -13.97 -12.01
N LEU A 75 20.92 -12.73 -11.55
CA LEU A 75 20.17 -12.25 -10.41
C LEU A 75 19.04 -11.32 -10.83
N HIS A 76 17.87 -11.55 -10.24
CA HIS A 76 16.67 -10.74 -10.53
C HIS A 76 16.21 -10.04 -9.25
N LEU A 77 16.28 -8.71 -9.28
CA LEU A 77 15.87 -7.89 -8.15
C LEU A 77 14.44 -7.43 -8.38
N ILE A 78 13.53 -7.94 -7.55
CA ILE A 78 12.14 -7.58 -7.66
C ILE A 78 11.87 -6.46 -6.68
N ASP A 79 11.31 -5.36 -7.17
CA ASP A 79 11.00 -4.24 -6.30
C ASP A 79 9.68 -4.47 -5.56
N THR A 80 9.66 -4.11 -4.29
CA THR A 80 8.45 -4.30 -3.49
C THR A 80 7.94 -3.04 -2.84
N PRO A 81 6.61 -2.79 -2.91
CA PRO A 81 6.02 -1.60 -2.30
C PRO A 81 6.36 -1.60 -0.81
N GLY A 82 6.31 -0.42 -0.18
CA GLY A 82 6.62 -0.35 1.23
C GLY A 82 5.43 -0.17 2.16
N HIS A 83 4.53 0.73 1.80
CA HIS A 83 3.37 1.01 2.63
C HIS A 83 2.36 -0.12 2.72
N VAL A 84 1.63 -0.15 3.82
CA VAL A 84 0.61 -1.15 4.06
C VAL A 84 -0.47 -1.08 2.98
N ASP A 85 -0.62 0.10 2.37
CA ASP A 85 -1.60 0.30 1.31
C ASP A 85 -1.45 -0.70 0.16
N PHE A 86 -0.23 -1.16 -0.09
CA PHE A 86 0.06 -2.08 -1.18
C PHE A 86 0.48 -3.46 -0.69
N SER A 87 -0.08 -3.83 0.46
CA SER A 87 0.15 -5.11 1.10
C SER A 87 -0.03 -6.29 0.11
N TYR A 88 -1.14 -6.32 -0.62
CA TYR A 88 -1.41 -7.38 -1.58
C TYR A 88 -0.33 -7.47 -2.64
N GLU A 89 -0.01 -6.31 -3.23
CA GLU A 89 0.99 -6.18 -4.25
C GLU A 89 2.36 -6.58 -3.71
N VAL A 90 2.60 -6.32 -2.43
CA VAL A 90 3.84 -6.73 -1.81
C VAL A 90 3.82 -8.25 -1.72
N SER A 91 2.69 -8.81 -1.29
CA SER A 91 2.54 -10.26 -1.17
C SER A 91 2.82 -10.95 -2.51
N ARG A 92 2.43 -10.29 -3.60
CA ARG A 92 2.64 -10.82 -4.95
C ARG A 92 4.11 -10.76 -5.32
N ALA A 93 4.74 -9.62 -5.04
CA ALA A 93 6.15 -9.46 -5.34
C ALA A 93 6.91 -10.58 -4.64
N LEU A 94 6.56 -10.82 -3.38
CA LEU A 94 7.21 -11.89 -2.62
C LEU A 94 6.94 -13.25 -3.25
N ALA A 95 5.71 -13.49 -3.70
CA ALA A 95 5.35 -14.76 -4.32
C ALA A 95 6.25 -15.09 -5.51
N ALA A 96 6.77 -14.04 -6.15
CA ALA A 96 7.64 -14.19 -7.32
C ALA A 96 9.11 -14.42 -7.00
N CYS A 97 9.43 -14.52 -5.71
CA CYS A 97 10.82 -14.71 -5.30
C CYS A 97 11.07 -16.02 -4.54
N GLU A 98 12.36 -16.29 -4.29
CA GLU A 98 12.80 -17.46 -3.53
C GLU A 98 13.32 -16.95 -2.19
N GLY A 99 13.89 -15.76 -2.22
CA GLY A 99 14.43 -15.19 -1.00
C GLY A 99 14.24 -13.69 -0.92
N ALA A 100 14.62 -13.13 0.22
CA ALA A 100 14.50 -11.72 0.43
C ALA A 100 15.61 -11.27 1.37
N LEU A 101 16.00 -10.01 1.22
CA LEU A 101 17.01 -9.43 2.09
C LEU A 101 16.18 -8.58 3.04
N LEU A 102 16.18 -8.90 4.34
CA LEU A 102 15.41 -8.10 5.28
C LEU A 102 16.33 -7.03 5.82
N LEU A 103 16.18 -5.83 5.28
CA LEU A 103 16.99 -4.70 5.65
C LEU A 103 16.50 -4.02 6.94
N ILE A 104 17.40 -3.94 7.91
CA ILE A 104 17.09 -3.29 9.18
C ILE A 104 18.13 -2.20 9.42
N ASP A 105 17.68 -1.03 9.87
CA ASP A 105 18.60 0.08 10.15
C ASP A 105 19.13 -0.11 11.57
N ALA A 106 20.44 -0.28 11.69
CA ALA A 106 21.11 -0.49 12.97
C ALA A 106 20.88 0.58 14.03
N SER A 107 20.49 1.78 13.62
CA SER A 107 20.23 2.85 14.57
C SER A 107 18.80 2.78 15.11
N GLN A 108 17.88 2.30 14.27
CA GLN A 108 16.49 2.19 14.66
C GLN A 108 16.16 0.79 15.18
N GLY A 109 16.51 -0.23 14.40
CA GLY A 109 16.23 -1.60 14.80
C GLY A 109 14.94 -2.10 14.17
N ILE A 110 14.37 -3.15 14.74
CA ILE A 110 13.12 -3.67 14.18
C ILE A 110 11.99 -2.66 14.33
N GLU A 111 11.26 -2.43 13.24
CA GLU A 111 10.13 -1.51 13.29
C GLU A 111 8.87 -2.20 12.76
N ALA A 112 7.72 -1.52 12.87
CA ALA A 112 6.45 -2.05 12.42
C ALA A 112 6.49 -2.85 11.13
N GLN A 113 6.81 -2.21 10.02
CA GLN A 113 6.85 -2.90 8.73
C GLN A 113 7.86 -4.06 8.72
N THR A 114 9.03 -3.83 9.29
CA THR A 114 10.05 -4.85 9.33
C THR A 114 9.47 -6.20 9.79
N VAL A 115 8.62 -6.16 10.81
CA VAL A 115 8.01 -7.38 11.35
C VAL A 115 6.87 -7.89 10.49
N ALA A 116 6.06 -6.97 9.98
CA ALA A 116 4.94 -7.35 9.13
C ALA A 116 5.44 -8.03 7.87
N ASN A 117 6.40 -7.38 7.21
CA ASN A 117 6.98 -7.88 5.97
C ASN A 117 7.70 -9.20 6.14
N PHE A 118 8.33 -9.37 7.30
CA PHE A 118 9.03 -10.60 7.62
C PHE A 118 8.08 -11.78 7.48
N TRP A 119 6.94 -11.67 8.18
CA TRP A 119 5.90 -12.70 8.18
C TRP A 119 5.26 -12.94 6.82
N LYS A 120 5.04 -11.87 6.07
CA LYS A 120 4.45 -12.02 4.76
C LYS A 120 5.45 -12.87 3.97
N ALA A 121 6.73 -12.59 4.19
CA ALA A 121 7.80 -13.31 3.51
C ALA A 121 7.83 -14.76 3.97
N VAL A 122 7.55 -14.96 5.25
CA VAL A 122 7.54 -16.31 5.83
C VAL A 122 6.35 -17.09 5.24
N GLU A 123 5.23 -16.40 5.02
CA GLU A 123 4.03 -17.02 4.45
C GLU A 123 4.27 -17.52 3.03
N GLN A 124 5.38 -17.09 2.43
CA GLN A 124 5.71 -17.48 1.06
C GLN A 124 6.87 -18.46 1.04
N ASP A 125 7.33 -18.86 2.21
CA ASP A 125 8.44 -19.78 2.30
C ASP A 125 9.66 -19.18 1.61
N LEU A 126 9.94 -17.92 1.89
CA LEU A 126 11.11 -17.29 1.29
C LEU A 126 12.30 -17.40 2.24
N VAL A 127 13.49 -17.42 1.69
CA VAL A 127 14.65 -17.47 2.53
C VAL A 127 14.94 -16.00 2.86
N ILE A 128 14.79 -15.65 4.12
CA ILE A 128 15.03 -14.29 4.58
C ILE A 128 16.51 -14.14 4.93
N ILE A 129 17.15 -13.13 4.37
CA ILE A 129 18.54 -12.87 4.67
C ILE A 129 18.58 -11.52 5.37
N PRO A 130 18.79 -11.52 6.70
CA PRO A 130 18.85 -10.28 7.48
C PRO A 130 20.04 -9.44 7.07
N VAL A 131 19.84 -8.13 7.03
CA VAL A 131 20.90 -7.22 6.65
C VAL A 131 20.83 -5.95 7.48
N ILE A 132 21.76 -5.79 8.41
CA ILE A 132 21.80 -4.60 9.26
C ILE A 132 22.51 -3.49 8.50
N ASN A 133 21.78 -2.42 8.20
CA ASN A 133 22.34 -1.33 7.44
C ASN A 133 22.57 -0.09 8.26
N LYS A 134 23.44 0.79 7.76
CA LYS A 134 23.79 2.04 8.42
C LYS A 134 24.64 1.79 9.66
N ILE A 135 25.42 0.71 9.64
CA ILE A 135 26.27 0.40 10.79
C ILE A 135 27.39 1.42 10.93
N ASP A 136 27.50 2.31 9.96
CA ASP A 136 28.50 3.36 9.97
C ASP A 136 28.04 4.49 10.91
N LEU A 137 26.75 4.50 11.23
CA LEU A 137 26.19 5.52 12.10
C LEU A 137 26.67 5.44 13.53
N PRO A 138 26.84 6.61 14.18
CA PRO A 138 27.29 6.66 15.57
C PRO A 138 26.21 6.04 16.45
N SER A 139 24.96 6.38 16.14
CA SER A 139 23.80 5.90 16.87
C SER A 139 23.57 4.39 16.69
N ALA A 140 24.21 3.84 15.65
CA ALA A 140 24.09 2.42 15.33
C ALA A 140 24.37 1.48 16.50
N ASP A 141 23.58 0.42 16.58
CA ASP A 141 23.72 -0.58 17.63
C ASP A 141 23.38 -2.00 17.13
N VAL A 142 24.40 -2.71 16.68
CA VAL A 142 24.25 -4.07 16.16
C VAL A 142 23.84 -5.15 17.15
N ASP A 143 24.58 -5.29 18.23
CA ASP A 143 24.23 -6.32 19.21
C ASP A 143 22.77 -6.16 19.59
N ARG A 144 22.26 -4.95 19.37
CA ARG A 144 20.88 -4.61 19.64
C ARG A 144 20.03 -5.35 18.62
N VAL A 145 20.24 -5.00 17.35
CA VAL A 145 19.52 -5.60 16.24
C VAL A 145 19.67 -7.12 16.18
N LYS A 146 20.87 -7.63 16.40
CA LYS A 146 21.09 -9.07 16.39
C LYS A 146 20.27 -9.73 17.50
N LYS A 147 20.21 -9.05 18.63
CA LYS A 147 19.44 -9.54 19.77
C LYS A 147 17.99 -9.60 19.36
N GLN A 148 17.50 -8.52 18.74
CA GLN A 148 16.10 -8.42 18.28
C GLN A 148 15.82 -9.52 17.26
N ILE A 149 16.71 -9.61 16.26
CA ILE A 149 16.58 -10.62 15.22
C ILE A 149 16.27 -11.98 15.82
N GLU A 150 17.06 -12.36 16.81
CA GLU A 150 16.89 -13.65 17.48
C GLU A 150 15.61 -13.78 18.27
N GLU A 151 15.48 -12.95 19.29
CA GLU A 151 14.32 -13.00 20.16
C GLU A 151 12.99 -12.79 19.46
N VAL A 152 12.91 -11.74 18.64
CA VAL A 152 11.68 -11.37 17.93
C VAL A 152 11.44 -12.11 16.61
N LEU A 153 12.44 -12.16 15.74
CA LEU A 153 12.32 -12.82 14.44
C LEU A 153 12.60 -14.31 14.45
N GLY A 154 13.25 -14.79 15.50
CA GLY A 154 13.57 -16.21 15.57
C GLY A 154 14.64 -16.60 14.57
N LEU A 155 15.53 -15.67 14.24
CA LEU A 155 16.60 -15.95 13.29
C LEU A 155 17.92 -16.08 14.03
N ASP A 156 18.89 -16.75 13.39
CA ASP A 156 20.22 -16.91 13.97
C ASP A 156 20.96 -15.60 13.74
N PRO A 157 21.23 -14.85 14.82
CA PRO A 157 21.93 -13.57 14.73
C PRO A 157 23.19 -13.68 13.89
N GLU A 158 23.67 -14.89 13.74
CA GLU A 158 24.88 -15.12 12.96
C GLU A 158 24.68 -15.07 11.44
N GLU A 159 23.45 -15.25 10.99
CA GLU A 159 23.19 -15.19 9.57
C GLU A 159 23.17 -13.73 9.12
N ALA A 160 22.93 -12.83 10.08
CA ALA A 160 22.85 -11.39 9.78
C ALA A 160 24.07 -10.83 9.05
N ILE A 161 23.82 -9.94 8.09
CA ILE A 161 24.89 -9.33 7.33
C ILE A 161 25.04 -7.84 7.68
N LEU A 162 26.14 -7.54 8.37
CA LEU A 162 26.48 -6.18 8.76
C LEU A 162 26.86 -5.47 7.46
N ALA A 163 26.43 -4.22 7.31
CA ALA A 163 26.73 -3.50 6.09
C ALA A 163 26.35 -2.04 6.10
N SER A 164 27.05 -1.28 5.27
CA SER A 164 26.80 0.13 5.10
C SER A 164 26.66 0.38 3.61
N ALA A 165 25.47 0.81 3.20
CA ALA A 165 25.22 1.10 1.79
C ALA A 165 25.82 2.45 1.44
N LYS A 166 25.65 3.43 2.32
CA LYS A 166 26.19 4.77 2.09
C LYS A 166 27.65 4.65 1.60
N GLU A 167 28.31 3.59 2.04
CA GLU A 167 29.70 3.32 1.66
C GLU A 167 29.75 2.25 0.58
N GLY A 168 29.75 0.99 1.02
CA GLY A 168 29.79 -0.13 0.09
C GLY A 168 30.33 -1.32 0.86
N ILE A 169 30.27 -1.19 2.17
CA ILE A 169 30.75 -2.21 3.09
C ILE A 169 29.78 -3.37 3.23
N GLY A 170 30.18 -4.53 2.71
CA GLY A 170 29.34 -5.73 2.80
C GLY A 170 28.53 -6.05 1.56
N ILE A 171 28.67 -5.25 0.51
CA ILE A 171 27.91 -5.47 -0.72
C ILE A 171 28.18 -6.84 -1.32
N GLU A 172 29.45 -7.16 -1.51
CA GLU A 172 29.84 -8.45 -2.08
C GLU A 172 29.36 -9.51 -1.11
N GLU A 173 29.64 -9.25 0.16
CA GLU A 173 29.26 -10.15 1.22
C GLU A 173 27.78 -10.49 1.03
N ILE A 174 27.02 -9.53 0.52
CA ILE A 174 25.59 -9.73 0.28
C ILE A 174 25.32 -10.55 -0.95
N LEU A 175 25.91 -10.19 -2.07
CA LEU A 175 25.69 -10.93 -3.30
C LEU A 175 26.03 -12.40 -3.10
N GLU A 176 26.96 -12.66 -2.19
CA GLU A 176 27.39 -14.02 -1.84
C GLU A 176 26.25 -14.76 -1.15
N ALA A 177 25.73 -14.13 -0.10
CA ALA A 177 24.63 -14.67 0.69
C ALA A 177 23.48 -15.12 -0.22
N ILE A 178 23.07 -14.20 -1.10
CA ILE A 178 21.99 -14.46 -2.05
C ILE A 178 22.26 -15.73 -2.83
N VAL A 179 23.40 -15.75 -3.51
CA VAL A 179 23.78 -16.89 -4.31
C VAL A 179 23.85 -18.19 -3.49
N ASN A 180 24.47 -18.13 -2.31
CA ASN A 180 24.62 -19.32 -1.48
C ASN A 180 23.42 -19.75 -0.65
N ARG A 181 22.74 -18.79 -0.01
CA ARG A 181 21.58 -19.10 0.82
C ARG A 181 20.24 -19.23 0.11
N ILE A 182 20.02 -18.44 -0.94
CA ILE A 182 18.77 -18.47 -1.67
C ILE A 182 18.73 -19.52 -2.77
N PRO A 183 17.78 -20.45 -2.69
CA PRO A 183 17.69 -21.49 -3.72
C PRO A 183 17.39 -20.91 -5.10
N PRO A 184 17.71 -21.65 -6.16
CA PRO A 184 17.41 -21.11 -7.49
C PRO A 184 16.00 -21.58 -7.86
N PRO A 185 15.39 -20.96 -8.88
CA PRO A 185 14.03 -21.34 -9.31
C PRO A 185 13.91 -22.83 -9.54
N LYS A 186 12.70 -23.35 -9.52
CA LYS A 186 12.50 -24.80 -9.67
C LYS A 186 11.40 -25.28 -10.63
N GLY A 187 10.96 -24.44 -11.55
CA GLY A 187 9.91 -24.86 -12.47
C GLY A 187 10.49 -25.50 -13.73
N ASP A 188 9.63 -26.11 -14.54
CA ASP A 188 10.06 -26.77 -15.78
C ASP A 188 9.66 -25.98 -17.03
N PRO A 189 10.66 -25.55 -17.83
CA PRO A 189 10.44 -24.78 -19.07
C PRO A 189 9.80 -25.56 -20.19
N GLN A 190 9.56 -26.84 -19.96
CA GLN A 190 8.94 -27.70 -20.95
C GLN A 190 7.44 -27.82 -20.68
N LYS A 191 7.05 -27.52 -19.45
CA LYS A 191 5.64 -27.59 -19.07
C LYS A 191 4.93 -26.35 -19.58
N PRO A 192 3.59 -26.33 -19.51
CA PRO A 192 2.84 -25.17 -20.00
C PRO A 192 3.25 -23.86 -19.32
N LEU A 193 3.20 -22.78 -20.09
CA LEU A 193 3.59 -21.48 -19.55
C LEU A 193 2.74 -21.16 -18.33
N LYS A 194 3.43 -20.76 -17.27
CA LYS A 194 2.78 -20.38 -16.03
C LYS A 194 3.61 -19.22 -15.50
N ALA A 195 3.10 -18.01 -15.63
CA ALA A 195 3.82 -16.82 -15.20
C ALA A 195 2.98 -15.94 -14.30
N LEU A 196 3.52 -15.63 -13.12
CA LEU A 196 2.81 -14.80 -12.16
C LEU A 196 2.99 -13.31 -12.45
N ILE A 197 1.89 -12.57 -12.48
CA ILE A 197 2.00 -11.14 -12.70
C ILE A 197 2.20 -10.51 -11.33
N PHE A 198 3.33 -9.83 -11.11
CA PHE A 198 3.56 -9.19 -9.83
C PHE A 198 3.61 -7.65 -9.93
N ASP A 199 3.52 -7.13 -11.14
CA ASP A 199 3.51 -5.69 -11.34
C ASP A 199 3.15 -5.32 -12.77
N SER A 200 3.02 -4.03 -13.04
CA SER A 200 2.65 -3.54 -14.37
C SER A 200 2.80 -2.03 -14.45
N TYR A 201 2.45 -1.50 -15.61
CA TYR A 201 2.49 -0.07 -15.85
C TYR A 201 2.08 0.14 -17.31
N TYR A 202 1.63 1.36 -17.61
CA TYR A 202 1.23 1.66 -18.96
C TYR A 202 2.36 2.29 -19.75
N ASP A 203 2.65 1.68 -20.88
CA ASP A 203 3.69 2.15 -21.77
C ASP A 203 2.96 2.68 -23.00
N PRO A 204 3.07 4.00 -23.25
CA PRO A 204 2.40 4.61 -24.40
C PRO A 204 2.70 3.91 -25.73
N TYR A 205 3.92 3.40 -25.87
CA TYR A 205 4.32 2.72 -27.10
C TYR A 205 4.12 1.21 -27.08
N ARG A 206 4.35 0.57 -25.93
CA ARG A 206 4.18 -0.88 -25.83
C ARG A 206 2.78 -1.26 -25.34
N GLY A 207 2.11 -0.30 -24.69
CA GLY A 207 0.76 -0.53 -24.18
C GLY A 207 0.83 -0.94 -22.73
N ALA A 208 -0.18 -1.70 -22.30
CA ALA A 208 -0.24 -2.21 -20.93
C ALA A 208 0.84 -3.26 -20.78
N VAL A 209 1.76 -3.06 -19.85
CA VAL A 209 2.85 -4.01 -19.69
C VAL A 209 2.83 -4.72 -18.34
N ALA A 210 3.13 -6.01 -18.34
CA ALA A 210 3.11 -6.81 -17.13
C ALA A 210 4.45 -7.35 -16.73
N PHE A 211 4.89 -7.03 -15.52
CA PHE A 211 6.16 -7.55 -15.03
C PHE A 211 5.79 -8.93 -14.47
N VAL A 212 6.40 -9.97 -15.03
CA VAL A 212 6.10 -11.33 -14.62
C VAL A 212 7.26 -12.24 -14.22
N ARG A 213 6.93 -13.21 -13.37
CA ARG A 213 7.89 -14.21 -12.91
C ARG A 213 7.45 -15.47 -13.65
N ILE A 214 8.38 -16.19 -14.25
CA ILE A 214 8.02 -17.41 -14.98
C ILE A 214 8.33 -18.65 -14.15
N PHE A 215 7.31 -19.43 -13.84
CA PHE A 215 7.48 -20.66 -13.08
C PHE A 215 7.68 -21.82 -14.07
N ASP A 216 6.72 -22.05 -14.94
CA ASP A 216 6.81 -23.12 -15.94
C ASP A 216 6.91 -22.57 -17.34
N GLY A 217 7.34 -23.42 -18.27
CA GLY A 217 7.45 -23.08 -19.68
C GLY A 217 8.30 -21.89 -20.12
N GLU A 218 7.90 -21.32 -21.24
CA GLU A 218 8.59 -20.18 -21.81
C GLU A 218 7.60 -19.36 -22.59
N VAL A 219 8.03 -18.16 -22.96
CA VAL A 219 7.19 -17.24 -23.69
C VAL A 219 8.06 -16.37 -24.59
N LYS A 220 7.74 -16.37 -25.88
CA LYS A 220 8.47 -15.58 -26.86
C LYS A 220 7.48 -14.74 -27.64
N PRO A 221 7.96 -13.65 -28.28
CA PRO A 221 7.05 -12.79 -29.05
C PRO A 221 6.30 -13.60 -30.09
N GLY A 222 5.05 -13.22 -30.34
CA GLY A 222 4.25 -13.92 -31.31
C GLY A 222 3.36 -14.99 -30.71
N ASP A 223 3.68 -15.42 -29.49
CA ASP A 223 2.88 -16.44 -28.82
C ASP A 223 1.53 -15.88 -28.36
N LYS A 224 0.55 -16.76 -28.28
CA LYS A 224 -0.77 -16.38 -27.83
C LYS A 224 -0.90 -16.81 -26.37
N ILE A 225 -0.92 -15.79 -25.51
CA ILE A 225 -1.05 -15.97 -24.09
C ILE A 225 -2.51 -15.82 -23.69
N MSE A 226 -2.80 -16.10 -22.42
CA MSE A 226 -4.15 -15.98 -21.92
C MSE A 226 -4.09 -15.63 -20.44
O MSE A 226 -3.21 -16.10 -19.72
CB MSE A 226 -4.88 -17.30 -22.15
CG MSE A 226 -6.31 -17.33 -21.70
SE MSE A 226 -6.51 -18.39 -20.10
CE MSE A 226 -7.86 -17.38 -19.22
N LEU A 227 -4.99 -14.75 -20.01
CA LEU A 227 -5.05 -14.33 -18.62
C LEU A 227 -6.08 -15.20 -17.93
N MSE A 228 -5.60 -16.10 -17.07
CA MSE A 228 -6.45 -17.05 -16.39
C MSE A 228 -7.65 -16.55 -15.59
O MSE A 228 -8.64 -17.29 -15.45
CB MSE A 228 -5.59 -17.97 -15.55
CG MSE A 228 -4.68 -18.79 -16.43
SE MSE A 228 -3.77 -20.22 -15.54
CE MSE A 228 -5.17 -21.56 -15.60
N SER A 229 -7.61 -15.33 -15.09
CA SER A 229 -8.77 -14.86 -14.34
C SER A 229 -9.88 -14.40 -15.28
N THR A 230 -9.49 -13.84 -16.41
CA THR A 230 -10.46 -13.31 -17.34
C THR A 230 -10.82 -14.16 -18.54
N GLY A 231 -9.88 -14.97 -19.03
CA GLY A 231 -10.18 -15.79 -20.19
C GLY A 231 -9.82 -15.07 -21.48
N LYS A 232 -9.28 -13.86 -21.33
CA LYS A 232 -8.87 -13.01 -22.45
C LYS A 232 -7.57 -13.53 -23.07
N GLU A 233 -7.46 -13.43 -24.40
CA GLU A 233 -6.24 -13.87 -25.11
C GLU A 233 -5.60 -12.71 -25.80
N TYR A 234 -4.28 -12.75 -25.96
CA TYR A 234 -3.49 -11.68 -26.58
C TYR A 234 -2.32 -12.29 -27.34
N GLU A 235 -1.71 -11.51 -28.24
CA GLU A 235 -0.54 -12.02 -28.96
C GLU A 235 0.67 -11.22 -28.50
N VAL A 236 1.63 -11.90 -27.90
CA VAL A 236 2.84 -11.26 -27.37
C VAL A 236 3.55 -10.46 -28.45
N THR A 237 3.94 -9.25 -28.11
CA THR A 237 4.62 -8.43 -29.10
C THR A 237 6.07 -8.28 -28.72
N GLU A 238 6.36 -8.44 -27.43
CA GLU A 238 7.73 -8.23 -26.96
C GLU A 238 7.94 -8.74 -25.53
N VAL A 239 9.17 -9.17 -25.24
CA VAL A 239 9.50 -9.66 -23.91
C VAL A 239 10.92 -9.18 -23.61
N GLY A 240 11.29 -9.16 -22.34
CA GLY A 240 12.62 -8.70 -21.99
C GLY A 240 12.71 -8.40 -20.52
N ALA A 241 13.60 -7.49 -20.16
CA ALA A 241 13.76 -7.13 -18.77
C ALA A 241 14.57 -5.85 -18.62
N GLN A 242 14.51 -5.25 -17.43
CA GLN A 242 15.28 -4.05 -17.15
C GLN A 242 16.73 -4.49 -16.91
N THR A 243 17.65 -4.00 -17.73
CA THR A 243 19.04 -4.41 -17.61
C THR A 243 20.09 -3.35 -17.27
N PRO A 244 19.71 -2.25 -16.60
CA PRO A 244 18.42 -1.79 -16.10
C PRO A 244 17.55 -1.04 -17.10
N LYS A 245 17.93 -1.09 -18.38
CA LYS A 245 17.13 -0.39 -19.37
C LYS A 245 16.17 -1.40 -19.98
N MSE A 246 14.99 -0.94 -20.37
CA MSE A 246 14.01 -1.85 -20.96
C MSE A 246 14.66 -2.55 -22.14
O MSE A 246 14.71 -2.01 -23.24
CB MSE A 246 12.75 -1.09 -21.40
CG MSE A 246 11.80 -0.72 -20.26
SE MSE A 246 10.93 -2.24 -19.31
CE MSE A 246 9.37 -2.39 -20.45
N THR A 247 15.15 -3.76 -21.91
CA THR A 247 15.83 -4.53 -22.93
C THR A 247 15.04 -5.72 -23.45
N LYS A 248 14.70 -5.65 -24.73
CA LYS A 248 13.95 -6.71 -25.39
C LYS A 248 14.81 -7.98 -25.46
N PHE A 249 14.20 -9.14 -25.32
CA PHE A 249 14.94 -10.40 -25.41
C PHE A 249 14.20 -11.29 -26.39
N ASP A 250 14.83 -12.39 -26.78
CA ASP A 250 14.22 -13.33 -27.70
C ASP A 250 13.15 -14.14 -26.95
N LYS A 251 13.24 -14.14 -25.63
CA LYS A 251 12.28 -14.87 -24.81
C LYS A 251 12.60 -14.90 -23.31
N LEU A 252 11.67 -15.48 -22.57
CA LEU A 252 11.77 -15.62 -21.12
C LEU A 252 11.48 -17.07 -20.81
N SER A 253 12.35 -17.69 -20.01
CA SER A 253 12.19 -19.08 -19.64
C SER A 253 11.80 -19.26 -18.19
N ALA A 254 11.51 -20.51 -17.82
CA ALA A 254 11.14 -20.81 -16.45
C ALA A 254 12.21 -20.23 -15.54
N GLY A 255 11.79 -19.82 -14.35
CA GLY A 255 12.73 -19.26 -13.40
C GLY A 255 13.15 -17.84 -13.68
N ASP A 256 12.74 -17.28 -14.83
CA ASP A 256 13.10 -15.91 -15.18
C ASP A 256 12.14 -14.84 -14.64
N VAL A 257 12.60 -13.60 -14.73
CA VAL A 257 11.84 -12.43 -14.30
C VAL A 257 12.00 -11.40 -15.42
N GLY A 258 10.89 -10.87 -15.90
CA GLY A 258 10.96 -9.87 -16.96
C GLY A 258 9.63 -9.20 -17.21
N TYR A 259 9.48 -8.60 -18.39
CA TYR A 259 8.22 -7.94 -18.75
C TYR A 259 7.67 -8.63 -19.98
N ILE A 260 6.44 -8.27 -20.35
CA ILE A 260 5.78 -8.85 -21.51
C ILE A 260 4.84 -7.80 -22.07
N ALA A 261 4.79 -7.71 -23.39
CA ALA A 261 3.92 -6.75 -24.04
C ALA A 261 3.09 -7.57 -25.00
N ALA A 262 1.81 -7.27 -25.12
CA ALA A 262 0.97 -8.06 -26.02
C ALA A 262 -0.22 -7.25 -26.48
N SER A 263 0.03 -5.95 -26.71
CA SER A 263 -1.01 -5.04 -27.19
C SER A 263 -2.22 -5.08 -26.27
N ILE A 264 -1.98 -4.92 -24.98
CA ILE A 264 -3.03 -4.94 -23.97
C ILE A 264 -3.58 -3.54 -23.73
N LYS A 265 -4.91 -3.38 -23.87
CA LYS A 265 -5.53 -2.07 -23.71
C LYS A 265 -5.08 -1.30 -22.47
N ASP A 266 -5.30 -1.86 -21.29
CA ASP A 266 -4.87 -1.16 -20.08
C ASP A 266 -4.45 -2.10 -18.94
N VAL A 267 -3.86 -1.51 -17.90
CA VAL A 267 -3.37 -2.27 -16.75
C VAL A 267 -4.40 -3.06 -15.94
N ARG A 268 -5.68 -2.85 -16.20
CA ARG A 268 -6.69 -3.60 -15.47
C ARG A 268 -6.92 -4.95 -16.16
N ASP A 269 -6.36 -5.10 -17.35
CA ASP A 269 -6.48 -6.37 -18.09
C ASP A 269 -5.41 -7.36 -17.62
N ILE A 270 -4.33 -6.81 -17.07
CA ILE A 270 -3.22 -7.58 -16.54
C ILE A 270 -3.12 -7.30 -15.06
N ARG A 271 -4.16 -7.68 -14.34
CA ARG A 271 -4.22 -7.46 -12.90
C ARG A 271 -3.12 -8.20 -12.12
N ILE A 272 -2.51 -7.48 -11.18
CA ILE A 272 -1.44 -8.03 -10.34
C ILE A 272 -1.91 -9.24 -9.56
N GLY A 273 -1.15 -10.32 -9.66
CA GLY A 273 -1.52 -11.55 -8.97
C GLY A 273 -2.12 -12.55 -9.94
N ASP A 274 -2.40 -12.09 -11.16
CA ASP A 274 -2.99 -12.93 -12.20
C ASP A 274 -1.93 -13.82 -12.84
N THR A 275 -2.39 -14.81 -13.57
CA THR A 275 -1.54 -15.78 -14.22
C THR A 275 -1.57 -15.66 -15.73
N ILE A 276 -0.42 -15.86 -16.36
CA ILE A 276 -0.34 -15.80 -17.81
C ILE A 276 0.13 -17.14 -18.39
N THR A 277 -0.78 -17.83 -19.04
CA THR A 277 -0.47 -19.13 -19.63
C THR A 277 -0.58 -19.04 -21.16
N HIS A 278 -0.47 -20.17 -21.83
CA HIS A 278 -0.58 -20.18 -23.28
C HIS A 278 -2.04 -20.43 -23.62
N ALA A 279 -2.54 -19.71 -24.62
CA ALA A 279 -3.91 -19.88 -25.06
C ALA A 279 -4.11 -21.29 -25.61
N LYS A 280 -3.14 -21.73 -26.43
CA LYS A 280 -3.16 -23.06 -27.05
C LYS A 280 -3.10 -24.18 -26.04
N ASN A 281 -2.10 -24.16 -25.17
CA ASN A 281 -2.00 -25.17 -24.13
C ASN A 281 -1.70 -24.55 -22.76
N PRO A 282 -2.76 -24.36 -21.95
CA PRO A 282 -2.73 -23.79 -20.61
C PRO A 282 -2.27 -24.77 -19.53
N THR A 283 -1.82 -24.21 -18.40
CA THR A 283 -1.34 -25.00 -17.27
C THR A 283 -2.54 -25.39 -16.39
N LYS A 284 -2.48 -26.56 -15.77
CA LYS A 284 -3.58 -27.05 -14.93
C LYS A 284 -4.28 -26.00 -14.09
N GLU A 285 -3.51 -25.35 -13.20
CA GLU A 285 -4.07 -24.33 -12.33
C GLU A 285 -3.24 -23.06 -12.43
N PRO A 286 -3.80 -21.94 -11.94
CA PRO A 286 -3.17 -20.62 -11.93
C PRO A 286 -2.43 -20.44 -10.59
N VAL A 287 -1.41 -19.60 -10.58
CA VAL A 287 -0.66 -19.32 -9.35
C VAL A 287 -1.70 -18.81 -8.34
N PRO A 288 -1.71 -19.36 -7.13
CA PRO A 288 -2.62 -19.03 -6.02
C PRO A 288 -2.58 -17.61 -5.48
N GLY A 289 -3.68 -17.21 -4.85
CA GLY A 289 -3.74 -15.90 -4.23
C GLY A 289 -4.12 -14.69 -5.04
N PHE A 290 -4.88 -14.89 -6.11
CA PHE A 290 -5.28 -13.74 -6.88
C PHE A 290 -6.45 -13.05 -6.18
N GLN A 291 -6.35 -11.73 -6.07
CA GLN A 291 -7.38 -10.92 -5.45
C GLN A 291 -7.43 -9.61 -6.21
N PRO A 292 -8.60 -9.25 -6.75
CA PRO A 292 -8.62 -7.97 -7.46
C PRO A 292 -8.31 -6.81 -6.48
N ALA A 293 -8.25 -5.59 -7.01
CA ALA A 293 -7.96 -4.41 -6.21
C ALA A 293 -9.20 -4.03 -5.39
N LYS A 294 -9.01 -3.76 -4.10
CA LYS A 294 -10.14 -3.40 -3.28
C LYS A 294 -10.01 -2.09 -2.56
N PRO A 295 -10.56 -1.02 -3.16
CA PRO A 295 -10.52 0.31 -2.55
C PRO A 295 -11.05 0.20 -1.12
N MSE A 296 -10.33 0.75 -0.17
CA MSE A 296 -10.72 0.66 1.22
C MSE A 296 -11.17 2.02 1.76
O MSE A 296 -12.08 2.10 2.60
CB MSE A 296 -9.54 0.12 2.02
CG MSE A 296 -9.90 -0.72 3.26
SE MSE A 296 -10.18 -2.62 2.97
CE MSE A 296 -12.05 -2.58 2.39
N VAL A 297 -10.54 3.07 1.27
CA VAL A 297 -10.84 4.42 1.72
C VAL A 297 -11.36 5.33 0.59
N TYR A 298 -12.43 6.07 0.85
CA TYR A 298 -13.01 6.95 -0.15
C TYR A 298 -13.01 8.42 0.25
N ALA A 299 -13.05 9.28 -0.74
CA ALA A 299 -13.08 10.71 -0.51
C ALA A 299 -13.55 11.39 -1.78
N GLY A 300 -14.22 12.52 -1.61
CA GLY A 300 -14.70 13.28 -2.75
C GLY A 300 -13.67 14.32 -3.13
N ILE A 301 -13.31 14.36 -4.41
CA ILE A 301 -12.34 15.32 -4.88
C ILE A 301 -13.02 16.33 -5.76
N TYR A 302 -12.95 17.58 -5.33
CA TYR A 302 -13.58 18.68 -6.05
C TYR A 302 -12.55 19.63 -6.62
N PRO A 303 -12.87 20.27 -7.76
CA PRO A 303 -11.96 21.23 -8.41
C PRO A 303 -11.72 22.47 -7.52
N ALA A 304 -10.46 22.81 -7.32
CA ALA A 304 -10.11 23.96 -6.47
C ALA A 304 -9.72 25.16 -7.32
N GLU A 305 -9.43 26.27 -6.66
CA GLU A 305 -9.05 27.51 -7.32
C GLU A 305 -9.74 27.72 -8.66
N ASP A 306 -8.91 27.90 -9.69
CA ASP A 306 -9.36 28.14 -11.05
C ASP A 306 -9.43 26.86 -11.87
N THR A 307 -9.03 25.75 -11.27
CA THR A 307 -9.08 24.44 -11.93
C THR A 307 -10.56 24.11 -12.14
N THR A 308 -10.89 23.41 -13.21
CA THR A 308 -12.28 23.11 -13.49
C THR A 308 -12.65 21.62 -13.49
N TYR A 309 -13.95 21.36 -13.42
CA TYR A 309 -14.46 20.00 -13.43
C TYR A 309 -13.84 19.22 -14.59
N GLU A 310 -13.90 19.79 -15.79
CA GLU A 310 -13.36 19.18 -17.00
C GLU A 310 -11.87 18.83 -16.91
N GLU A 311 -11.07 19.79 -16.46
CA GLU A 311 -9.63 19.57 -16.32
C GLU A 311 -9.40 18.47 -15.30
N LEU A 312 -10.21 18.48 -14.24
CA LEU A 312 -10.13 17.48 -13.18
C LEU A 312 -10.56 16.13 -13.74
N ARG A 313 -11.73 16.09 -14.35
CA ARG A 313 -12.22 14.86 -14.95
C ARG A 313 -11.19 14.35 -15.95
N ASP A 314 -10.51 15.28 -16.61
CA ASP A 314 -9.50 14.92 -17.61
C ASP A 314 -8.22 14.33 -17.03
N ALA A 315 -7.72 14.95 -15.97
CA ALA A 315 -6.50 14.49 -15.33
C ALA A 315 -6.69 13.10 -14.74
N LEU A 316 -7.90 12.85 -14.21
CA LEU A 316 -8.20 11.55 -13.61
C LEU A 316 -8.20 10.44 -14.65
N GLU A 317 -8.76 10.72 -15.81
CA GLU A 317 -8.78 9.72 -16.86
C GLU A 317 -7.34 9.47 -17.30
N LYS A 318 -6.51 10.50 -17.22
CA LYS A 318 -5.11 10.39 -17.62
C LYS A 318 -4.31 9.63 -16.56
N TYR A 319 -4.64 9.86 -15.30
CA TYR A 319 -3.97 9.19 -14.19
C TYR A 319 -4.34 7.71 -14.19
N ALA A 320 -5.64 7.45 -14.20
CA ALA A 320 -6.22 6.10 -14.16
C ALA A 320 -5.59 5.09 -15.11
N ILE A 321 -4.82 5.57 -16.05
CA ILE A 321 -4.18 4.68 -17.00
C ILE A 321 -3.01 3.98 -16.31
N ASN A 322 -2.33 4.71 -15.44
CA ASN A 322 -1.19 4.17 -14.72
C ASN A 322 -1.61 3.69 -13.33
N ASP A 323 -2.89 3.37 -13.13
CA ASP A 323 -3.34 2.91 -11.83
C ASP A 323 -4.52 1.95 -11.97
N ALA A 324 -4.29 0.68 -11.68
CA ALA A 324 -5.37 -0.30 -11.79
C ALA A 324 -6.23 -0.42 -10.53
N ALA A 325 -5.80 0.22 -9.45
CA ALA A 325 -6.50 0.17 -8.17
C ALA A 325 -7.57 1.21 -7.95
N ILE A 326 -7.37 2.39 -8.49
CA ILE A 326 -8.31 3.50 -8.29
C ILE A 326 -9.64 3.45 -9.06
N VAL A 327 -10.70 3.89 -8.38
CA VAL A 327 -12.04 3.95 -8.96
C VAL A 327 -12.60 5.33 -8.67
N TYR A 328 -13.51 5.81 -9.50
CA TYR A 328 -14.09 7.13 -9.27
C TYR A 328 -15.39 7.29 -10.06
N GLU A 329 -16.33 8.00 -9.45
CA GLU A 329 -17.62 8.23 -10.07
C GLU A 329 -18.00 9.67 -9.80
N PRO A 330 -18.79 10.27 -10.69
CA PRO A 330 -19.18 11.66 -10.47
C PRO A 330 -20.10 11.84 -9.29
N GLU A 331 -19.83 12.88 -8.50
CA GLU A 331 -20.67 13.20 -7.37
C GLU A 331 -20.65 14.72 -7.37
N SER A 332 -21.75 15.32 -6.93
CA SER A 332 -21.83 16.78 -6.86
C SER A 332 -22.39 17.19 -5.51
N SER A 333 -22.24 18.46 -5.18
CA SER A 333 -22.75 18.95 -3.91
C SER A 333 -23.42 20.30 -4.17
N PRO A 334 -24.46 20.62 -3.39
CA PRO A 334 -25.12 21.92 -3.62
C PRO A 334 -24.08 23.02 -3.41
N ALA A 335 -23.31 22.89 -2.34
CA ALA A 335 -22.28 23.85 -1.99
C ALA A 335 -21.05 23.74 -2.88
N LEU A 336 -20.36 22.60 -2.81
CA LEU A 336 -19.14 22.34 -3.57
C LEU A 336 -19.21 22.31 -5.10
N GLY A 337 -20.33 21.84 -5.64
CA GLY A 337 -20.44 21.74 -7.08
C GLY A 337 -20.15 20.33 -7.57
N MSE A 338 -19.66 20.22 -8.81
CA MSE A 338 -19.35 18.92 -9.41
C MSE A 338 -17.93 18.45 -9.16
O MSE A 338 -16.95 19.15 -9.46
CB MSE A 338 -19.59 18.96 -10.91
CG MSE A 338 -21.03 19.14 -11.32
SE MSE A 338 -21.17 19.35 -13.26
CE MSE A 338 -20.55 21.18 -13.40
N GLY A 339 -17.82 17.24 -8.61
CA GLY A 339 -16.52 16.66 -8.32
C GLY A 339 -16.56 15.16 -8.53
N PHE A 340 -15.69 14.44 -7.82
CA PHE A 340 -15.64 12.98 -7.96
C PHE A 340 -15.48 12.25 -6.64
N ARG A 341 -16.16 11.11 -6.52
CA ARG A 341 -16.05 10.27 -5.33
C ARG A 341 -15.00 9.25 -5.78
N VAL A 342 -13.84 9.28 -5.12
CA VAL A 342 -12.72 8.42 -5.47
C VAL A 342 -12.34 7.43 -4.37
N GLY A 343 -12.03 6.20 -4.78
CA GLY A 343 -11.65 5.17 -3.84
C GLY A 343 -10.18 4.81 -3.91
N PHE A 344 -9.54 4.80 -2.75
CA PHE A 344 -8.11 4.50 -2.64
C PHE A 344 -7.89 3.24 -1.83
N LEU A 345 -6.66 2.73 -1.86
CA LEU A 345 -6.34 1.53 -1.11
C LEU A 345 -6.15 1.91 0.35
N GLY A 346 -5.68 3.13 0.58
CA GLY A 346 -5.46 3.60 1.94
C GLY A 346 -5.07 5.06 1.86
N LEU A 347 -4.55 5.61 2.95
CA LEU A 347 -4.18 7.03 2.98
C LEU A 347 -2.98 7.43 2.10
N LEU A 348 -1.95 6.59 2.03
CA LEU A 348 -0.79 6.94 1.22
C LEU A 348 -1.15 6.97 -0.25
N HIS A 349 -1.88 5.95 -0.70
CA HIS A 349 -2.31 5.85 -2.08
C HIS A 349 -3.01 7.15 -2.46
N MSE A 350 -3.94 7.59 -1.61
CA MSE A 350 -4.68 8.83 -1.82
C MSE A 350 -3.69 9.99 -1.92
O MSE A 350 -3.73 10.79 -2.87
CB MSE A 350 -5.66 9.07 -0.67
CG MSE A 350 -6.25 10.47 -0.62
SE MSE A 350 -7.67 10.68 0.68
CE MSE A 350 -6.60 10.91 2.29
N GLU A 351 -2.81 10.10 -0.92
CA GLU A 351 -1.80 11.15 -0.90
C GLU A 351 -1.06 11.16 -2.23
N ILE A 352 -0.61 9.98 -2.65
CA ILE A 352 0.10 9.83 -3.91
C ILE A 352 -0.74 10.43 -5.03
N VAL A 353 -1.92 9.86 -5.23
CA VAL A 353 -2.84 10.32 -6.26
C VAL A 353 -3.01 11.84 -6.25
N GLN A 354 -2.96 12.45 -5.08
CA GLN A 354 -3.11 13.91 -4.99
C GLN A 354 -1.84 14.60 -5.45
N GLU A 355 -0.73 14.29 -4.79
CA GLU A 355 0.56 14.87 -5.14
C GLU A 355 0.76 14.77 -6.64
N ARG A 356 0.50 13.58 -7.18
CA ARG A 356 0.66 13.31 -8.59
C ARG A 356 -0.28 14.09 -9.51
N LEU A 357 -1.45 14.45 -9.01
CA LEU A 357 -2.41 15.20 -9.82
C LEU A 357 -2.07 16.68 -9.89
N GLU A 358 -1.87 17.27 -8.71
CA GLU A 358 -1.52 18.67 -8.62
C GLU A 358 -0.21 18.91 -9.34
N ARG A 359 0.67 17.91 -9.30
CA ARG A 359 1.94 18.03 -10.00
C ARG A 359 1.75 17.71 -11.48
N GLU A 360 2.14 16.52 -11.89
CA GLU A 360 2.04 16.11 -13.29
C GLU A 360 0.82 16.54 -14.11
N TYR A 361 -0.18 17.15 -13.50
CA TYR A 361 -1.36 17.58 -14.24
C TYR A 361 -1.76 19.03 -14.05
N GLY A 362 -1.12 19.69 -13.09
CA GLY A 362 -1.41 21.10 -12.86
C GLY A 362 -2.69 21.41 -12.12
N VAL A 363 -3.66 20.51 -12.21
CA VAL A 363 -4.95 20.65 -11.54
C VAL A 363 -4.82 20.90 -10.04
N LYS A 364 -5.67 21.79 -9.51
CA LYS A 364 -5.66 22.10 -8.08
C LYS A 364 -6.96 21.55 -7.51
N ILE A 365 -6.84 20.63 -6.55
CA ILE A 365 -8.01 19.99 -5.96
C ILE A 365 -8.22 20.14 -4.45
N ILE A 366 -9.48 20.14 -4.05
CA ILE A 366 -9.83 20.19 -2.63
C ILE A 366 -10.32 18.77 -2.36
N THR A 367 -10.08 18.29 -1.15
CA THR A 367 -10.48 16.95 -0.80
C THR A 367 -11.15 16.86 0.54
N THR A 368 -12.32 16.23 0.55
CA THR A 368 -13.13 16.03 1.75
C THR A 368 -12.36 15.14 2.73
N ALA A 369 -12.94 14.93 3.90
CA ALA A 369 -12.29 14.06 4.87
C ALA A 369 -12.46 12.65 4.31
N PRO A 370 -11.48 11.78 4.53
CA PRO A 370 -11.58 10.41 4.02
C PRO A 370 -12.60 9.60 4.82
N ASN A 371 -13.12 8.54 4.21
CA ASN A 371 -14.06 7.67 4.89
C ASN A 371 -13.98 6.24 4.38
N VAL A 372 -14.32 5.30 5.26
CA VAL A 372 -14.30 3.88 4.96
C VAL A 372 -15.64 3.51 4.35
N ILE A 373 -15.73 2.34 3.74
CA ILE A 373 -16.98 1.86 3.17
C ILE A 373 -17.81 1.25 4.31
N TYR A 374 -19.05 1.69 4.48
CA TYR A 374 -19.89 1.12 5.53
C TYR A 374 -20.89 0.18 4.93
N ARG A 375 -21.27 -0.82 5.72
CA ARG A 375 -22.28 -1.79 5.31
C ARG A 375 -23.54 -1.46 6.11
N VAL A 376 -24.57 -0.96 5.43
CA VAL A 376 -25.81 -0.61 6.09
C VAL A 376 -26.99 -1.49 5.74
N LYS A 377 -27.69 -1.95 6.78
CA LYS A 377 -28.89 -2.75 6.63
C LYS A 377 -30.06 -1.82 7.02
N LYS A 378 -30.98 -1.60 6.10
CA LYS A 378 -32.14 -0.77 6.39
C LYS A 378 -33.39 -1.60 6.25
N LYS A 379 -34.44 -1.19 6.95
CA LYS A 379 -35.70 -1.91 6.91
C LYS A 379 -36.26 -1.88 5.50
N PHE A 380 -36.96 -2.95 5.12
CA PHE A 380 -37.59 -3.07 3.80
C PHE A 380 -36.61 -3.38 2.68
N THR A 381 -35.32 -3.40 2.99
CA THR A 381 -34.33 -3.69 1.97
C THR A 381 -33.57 -4.94 2.38
N ASP A 382 -33.82 -6.04 1.67
CA ASP A 382 -33.17 -7.31 1.99
C ASP A 382 -31.66 -7.15 1.89
N GLU A 383 -31.20 -6.84 0.68
CA GLU A 383 -29.78 -6.65 0.42
C GLU A 383 -29.22 -5.53 1.30
N VAL A 384 -28.03 -5.76 1.84
CA VAL A 384 -27.37 -4.75 2.67
C VAL A 384 -26.64 -3.80 1.70
N ILE A 385 -26.78 -2.50 1.93
CA ILE A 385 -26.14 -1.51 1.06
C ILE A 385 -24.75 -1.10 1.54
N GLU A 386 -23.83 -0.93 0.59
CA GLU A 386 -22.48 -0.51 0.92
C GLU A 386 -22.38 1.00 0.70
N VAL A 387 -22.00 1.73 1.75
CA VAL A 387 -21.90 3.17 1.64
C VAL A 387 -20.46 3.64 1.43
N ARG A 388 -20.23 4.28 0.30
CA ARG A 388 -18.91 4.79 -0.07
C ARG A 388 -18.91 6.30 0.09
N ASN A 389 -20.06 6.90 -0.19
CA ASN A 389 -20.26 8.34 -0.05
C ASN A 389 -21.18 8.50 1.16
N PRO A 390 -20.72 9.23 2.20
CA PRO A 390 -21.53 9.43 3.41
C PRO A 390 -22.92 10.01 3.13
N MSE A 391 -23.02 10.89 2.15
CA MSE A 391 -24.30 11.49 1.84
C MSE A 391 -25.28 10.42 1.36
O MSE A 391 -26.48 10.67 1.29
CB MSE A 391 -24.16 12.62 0.82
CG MSE A 391 -23.74 12.19 -0.57
SE MSE A 391 -23.75 13.68 -1.84
CE MSE A 391 -22.13 14.60 -1.27
N ASP A 392 -24.79 9.23 1.04
CA ASP A 392 -25.68 8.16 0.62
C ASP A 392 -26.25 7.45 1.86
N PHE A 393 -25.64 7.72 3.01
CA PHE A 393 -26.08 7.14 4.29
C PHE A 393 -27.51 7.60 4.61
N PRO A 394 -28.40 6.68 5.02
CA PRO A 394 -29.78 7.06 5.35
C PRO A 394 -29.89 8.23 6.31
N ASP A 395 -30.62 9.25 5.88
CA ASP A 395 -30.85 10.43 6.72
C ASP A 395 -31.83 10.07 7.81
N ASN A 396 -32.65 9.06 7.52
CA ASN A 396 -33.63 8.60 8.48
C ASN A 396 -33.06 7.47 9.35
N ALA A 397 -32.61 7.83 10.56
CA ALA A 397 -32.01 6.88 11.50
C ALA A 397 -32.90 5.70 11.84
N GLY A 398 -34.20 5.95 11.96
CA GLY A 398 -35.11 4.88 12.30
C GLY A 398 -35.20 3.82 11.23
N LEU A 399 -34.85 4.17 9.99
CA LEU A 399 -34.94 3.19 8.91
C LEU A 399 -33.70 2.30 8.87
N ILE A 400 -32.78 2.51 9.80
CA ILE A 400 -31.57 1.71 9.83
C ILE A 400 -31.66 0.53 10.78
N GLU A 401 -31.63 -0.69 10.24
CA GLU A 401 -31.67 -1.85 11.09
C GLU A 401 -30.31 -2.03 11.77
N TYR A 402 -29.22 -1.75 11.07
CA TYR A 402 -27.89 -1.83 11.68
C TYR A 402 -26.80 -1.31 10.76
N VAL A 403 -25.60 -1.17 11.30
CA VAL A 403 -24.47 -0.65 10.54
C VAL A 403 -23.20 -1.42 10.90
N GLU A 404 -22.37 -1.68 9.89
CA GLU A 404 -21.10 -2.36 10.12
C GLU A 404 -19.97 -1.60 9.45
N GLU A 405 -18.81 -1.60 10.10
CA GLU A 405 -17.63 -0.90 9.60
C GLU A 405 -16.42 -1.82 9.76
N PRO A 406 -15.43 -1.70 8.85
CA PRO A 406 -14.21 -2.52 8.89
C PRO A 406 -13.34 -2.28 10.12
N PHE A 407 -12.76 -3.36 10.63
CA PHE A 407 -11.87 -3.30 11.78
C PHE A 407 -10.53 -3.81 11.31
N VAL A 408 -9.46 -3.34 11.94
CA VAL A 408 -8.13 -3.76 11.55
C VAL A 408 -7.33 -4.17 12.78
N LEU A 409 -6.32 -4.98 12.57
CA LEU A 409 -5.45 -5.38 13.66
C LEU A 409 -4.20 -4.51 13.50
N VAL A 410 -4.06 -3.57 14.43
CA VAL A 410 -2.95 -2.63 14.44
C VAL A 410 -1.78 -3.11 15.31
N THR A 411 -0.58 -3.13 14.73
CA THR A 411 0.61 -3.52 15.48
C THR A 411 1.53 -2.31 15.61
N ILE A 412 2.05 -2.12 16.81
CA ILE A 412 2.91 -0.99 17.09
C ILE A 412 4.25 -1.33 17.76
N ILE A 413 5.29 -0.60 17.40
CA ILE A 413 6.58 -0.80 18.06
C ILE A 413 6.96 0.56 18.60
N THR A 414 7.33 0.59 19.88
CA THR A 414 7.68 1.84 20.50
C THR A 414 8.52 1.67 21.76
N PRO A 415 9.31 2.70 22.09
CA PRO A 415 10.17 2.72 23.27
C PRO A 415 9.22 2.71 24.47
N LYS A 416 9.62 2.08 25.57
CA LYS A 416 8.78 2.00 26.78
C LYS A 416 8.18 3.34 27.16
N GLU A 417 9.02 4.36 27.18
CA GLU A 417 8.58 5.70 27.56
C GLU A 417 7.26 6.15 26.95
N TYR A 418 7.05 5.88 25.66
CA TYR A 418 5.83 6.31 25.00
C TYR A 418 4.61 5.40 25.06
N VAL A 419 4.77 4.20 25.62
CA VAL A 419 3.67 3.24 25.71
C VAL A 419 2.38 3.79 26.31
N GLY A 420 2.48 4.45 27.46
CA GLY A 420 1.30 5.01 28.10
C GLY A 420 0.47 5.91 27.20
N PRO A 421 1.04 7.00 26.67
CA PRO A 421 0.33 7.93 25.80
C PRO A 421 -0.30 7.24 24.59
N ILE A 422 0.48 6.33 24.01
CA ILE A 422 0.05 5.54 22.86
C ILE A 422 -1.20 4.73 23.23
N ILE A 423 -1.07 3.91 24.27
CA ILE A 423 -2.15 3.08 24.78
C ILE A 423 -3.37 3.97 25.00
N GLN A 424 -3.13 5.10 25.64
CA GLN A 424 -4.20 6.04 25.91
C GLN A 424 -4.79 6.55 24.58
N LEU A 425 -3.92 6.85 23.62
CA LEU A 425 -4.35 7.30 22.28
C LEU A 425 -5.25 6.24 21.65
N CYS A 426 -4.77 5.00 21.69
CA CYS A 426 -5.50 3.89 21.13
C CYS A 426 -6.86 3.68 21.76
N GLN A 427 -6.89 3.67 23.09
CA GLN A 427 -8.13 3.47 23.81
C GLN A 427 -9.15 4.53 23.41
N GLU A 428 -8.70 5.77 23.28
CA GLU A 428 -9.57 6.87 22.90
C GLU A 428 -10.24 6.62 21.56
N LYS A 429 -9.45 6.18 20.59
CA LYS A 429 -9.96 5.93 19.27
C LYS A 429 -10.67 4.58 19.13
N ARG A 430 -11.01 3.99 20.27
CA ARG A 430 -11.74 2.72 20.33
C ARG A 430 -10.95 1.47 20.02
N GLY A 431 -9.67 1.46 20.39
CA GLY A 431 -8.83 0.30 20.13
C GLY A 431 -8.81 -0.66 21.30
N ILE A 432 -9.00 -1.94 21.00
CA ILE A 432 -9.00 -2.98 22.02
C ILE A 432 -7.62 -3.63 22.06
N GLN A 433 -6.89 -3.47 23.16
CA GLN A 433 -5.58 -4.11 23.24
C GLN A 433 -5.78 -5.62 23.23
N LYS A 434 -5.07 -6.31 22.34
CA LYS A 434 -5.18 -7.76 22.26
C LYS A 434 -3.90 -8.38 22.79
N ASN A 435 -2.79 -7.67 22.66
CA ASN A 435 -1.52 -8.21 23.12
C ASN A 435 -0.47 -7.12 23.38
N MSE A 436 0.49 -7.44 24.24
CA MSE A 436 1.58 -6.53 24.56
C MSE A 436 2.85 -7.32 24.91
O MSE A 436 2.78 -8.26 25.70
CB MSE A 436 1.17 -5.64 25.73
CG MSE A 436 2.22 -4.61 26.10
SE MSE A 436 1.67 -3.61 27.64
CE MSE A 436 3.28 -3.76 28.71
N THR A 437 3.98 -6.94 24.34
CA THR A 437 5.24 -7.63 24.61
C THR A 437 6.46 -6.72 24.47
N TYR A 438 7.63 -7.23 24.85
CA TYR A 438 8.87 -6.45 24.77
C TYR A 438 9.88 -7.01 23.76
N LEU A 439 10.20 -6.22 22.75
CA LEU A 439 11.18 -6.64 21.75
C LEU A 439 12.59 -6.57 22.31
N ASP A 440 12.69 -6.10 23.55
CA ASP A 440 13.92 -5.96 24.31
C ASP A 440 13.47 -5.15 25.51
N PRO A 441 14.31 -5.06 26.55
CA PRO A 441 13.95 -4.31 27.78
C PRO A 441 13.47 -2.87 27.63
N ASN A 442 13.73 -2.24 26.49
CA ASN A 442 13.30 -0.85 26.22
C ASN A 442 12.31 -0.66 25.08
N THR A 443 12.05 -1.72 24.32
CA THR A 443 11.11 -1.63 23.21
C THR A 443 9.88 -2.49 23.43
N VAL A 444 8.71 -1.89 23.23
CA VAL A 444 7.47 -2.60 23.43
C VAL A 444 6.75 -2.86 22.11
N TYR A 445 6.09 -4.01 22.05
CA TYR A 445 5.32 -4.43 20.88
C TYR A 445 3.87 -4.40 21.33
N LEU A 446 2.98 -3.87 20.50
CA LEU A 446 1.56 -3.78 20.84
C LEU A 446 0.64 -4.21 19.70
N GLU A 447 -0.50 -4.79 20.07
CA GLU A 447 -1.50 -5.22 19.10
C GLU A 447 -2.86 -4.72 19.54
N TYR A 448 -3.45 -3.83 18.74
CA TYR A 448 -4.76 -3.26 19.04
C TYR A 448 -5.72 -3.61 17.94
N GLU A 449 -6.97 -3.74 18.30
CA GLU A 449 -8.03 -4.04 17.35
C GLU A 449 -8.86 -2.75 17.32
N MSE A 450 -8.76 -1.97 16.24
CA MSE A 450 -9.54 -0.74 16.17
C MSE A 450 -10.21 -0.53 14.83
O MSE A 450 -9.83 -1.16 13.84
CB MSE A 450 -8.67 0.47 16.55
CG MSE A 450 -7.32 0.63 15.87
SE MSE A 450 -6.10 1.79 16.93
CE MSE A 450 -6.92 3.51 16.66
N PRO A 451 -11.23 0.34 14.78
CA PRO A 451 -11.92 0.59 13.52
C PRO A 451 -10.96 1.27 12.55
N LEU A 452 -11.12 0.99 11.26
CA LEU A 452 -10.26 1.61 10.29
C LEU A 452 -10.63 3.10 10.21
N SER A 453 -11.93 3.39 10.40
CA SER A 453 -12.45 4.74 10.34
C SER A 453 -11.72 5.65 11.31
N GLU A 454 -11.13 5.05 12.34
CA GLU A 454 -10.39 5.76 13.37
C GLU A 454 -8.90 5.90 13.10
N ILE A 455 -8.38 5.04 12.23
CA ILE A 455 -6.97 5.07 11.89
C ILE A 455 -6.72 6.10 10.80
N ILE A 456 -7.72 6.29 9.95
CA ILE A 456 -7.61 7.24 8.84
C ILE A 456 -7.85 8.70 9.22
N VAL A 457 -7.98 8.97 10.51
CA VAL A 457 -8.20 10.33 10.97
C VAL A 457 -7.21 10.74 12.07
N ASP A 458 -6.28 11.62 11.70
CA ASP A 458 -5.25 12.13 12.61
C ASP A 458 -4.59 11.10 13.55
N PHE A 459 -4.46 9.86 13.12
CA PHE A 459 -3.84 8.85 13.97
C PHE A 459 -2.37 8.75 13.62
N HIS A 460 -2.05 8.97 12.36
CA HIS A 460 -0.66 8.87 11.94
C HIS A 460 0.20 9.99 12.53
N ASP A 461 -0.35 11.21 12.57
CA ASP A 461 0.37 12.33 13.12
C ASP A 461 0.44 12.28 14.63
N LYS A 462 -0.71 12.10 15.27
CA LYS A 462 -0.79 12.04 16.73
C LYS A 462 0.11 10.96 17.35
N ILE A 463 0.28 9.82 16.69
CA ILE A 463 1.15 8.80 17.27
C ILE A 463 2.61 9.19 17.07
N LYS A 464 2.90 9.91 15.99
CA LYS A 464 4.26 10.36 15.68
C LYS A 464 4.57 11.52 16.61
N SER A 465 3.61 12.44 16.72
CA SER A 465 3.75 13.60 17.60
C SER A 465 4.10 13.14 19.01
N ILE A 466 3.31 12.24 19.56
CA ILE A 466 3.55 11.75 20.92
C ILE A 466 4.71 10.76 21.08
N SER A 467 5.34 10.34 19.99
CA SER A 467 6.44 9.40 20.14
C SER A 467 7.72 9.96 19.56
N ARG A 468 7.69 11.25 19.23
CA ARG A 468 8.83 11.93 18.64
C ARG A 468 9.25 11.22 17.36
N GLY A 469 8.28 10.59 16.69
CA GLY A 469 8.55 9.88 15.46
C GLY A 469 9.25 8.56 15.69
N PHE A 470 9.30 8.11 16.95
CA PHE A 470 9.98 6.86 17.26
C PHE A 470 9.08 5.63 17.24
N ALA A 471 7.77 5.82 17.25
CA ALA A 471 6.88 4.67 17.21
C ALA A 471 6.41 4.39 15.80
N SER A 472 6.51 3.13 15.37
CA SER A 472 6.05 2.74 14.04
C SER A 472 4.82 1.85 14.20
N TYR A 473 4.06 1.67 13.14
CA TYR A 473 2.89 0.83 13.27
C TYR A 473 2.44 0.31 11.90
N ASP A 474 1.78 -0.85 11.89
CA ASP A 474 1.28 -1.43 10.66
C ASP A 474 -0.07 -2.01 11.06
N TYR A 475 -0.89 -2.40 10.09
CA TYR A 475 -2.20 -2.97 10.40
C TYR A 475 -2.78 -3.76 9.24
N GLU A 476 -3.70 -4.68 9.56
CA GLU A 476 -4.33 -5.54 8.56
C GLU A 476 -5.85 -5.60 8.74
N PHE A 477 -6.57 -5.67 7.63
CA PHE A 477 -8.02 -5.75 7.68
C PHE A 477 -8.38 -7.08 8.32
N ILE A 478 -9.29 -7.03 9.29
CA ILE A 478 -9.74 -8.22 9.99
C ILE A 478 -11.25 -8.32 9.99
N GLY A 479 -11.90 -7.76 8.97
CA GLY A 479 -13.34 -7.85 8.87
C GLY A 479 -14.30 -6.75 9.32
N TYR A 480 -15.57 -6.93 8.98
CA TYR A 480 -16.63 -5.99 9.34
C TYR A 480 -17.32 -6.41 10.63
N ARG A 481 -17.42 -5.47 11.57
CA ARG A 481 -18.06 -5.72 12.85
C ARG A 481 -19.16 -4.69 12.99
N PRO A 482 -20.36 -5.13 13.40
CA PRO A 482 -21.49 -4.20 13.58
C PRO A 482 -21.17 -3.16 14.66
N SER A 483 -21.48 -1.89 14.40
CA SER A 483 -21.19 -0.82 15.37
C SER A 483 -22.26 0.27 15.45
N ASP A 484 -22.22 1.01 16.54
CA ASP A 484 -23.19 2.09 16.78
C ASP A 484 -22.71 3.41 16.19
N LEU A 485 -22.99 3.59 14.91
CA LEU A 485 -22.58 4.79 14.18
C LEU A 485 -23.78 5.62 13.78
N ILE A 486 -23.54 6.91 13.56
CA ILE A 486 -24.60 7.84 13.16
C ILE A 486 -24.06 8.83 12.13
N LYS A 487 -24.96 9.58 11.50
CA LYS A 487 -24.62 10.56 10.50
C LYS A 487 -24.78 11.96 11.06
N LEU A 488 -23.72 12.75 10.93
CA LEU A 488 -23.77 14.12 11.41
C LEU A 488 -23.80 15.00 10.18
N THR A 489 -24.58 16.07 10.24
CA THR A 489 -24.64 16.96 9.11
C THR A 489 -24.07 18.32 9.46
N VAL A 490 -23.48 18.96 8.46
CA VAL A 490 -22.89 20.27 8.68
C VAL A 490 -23.68 21.37 7.97
N LEU A 491 -24.05 22.39 8.72
CA LEU A 491 -24.80 23.50 8.15
C LEU A 491 -24.11 24.84 8.38
N ILE A 492 -23.89 25.56 7.28
CA ILE A 492 -23.29 26.88 7.33
C ILE A 492 -24.44 27.88 7.18
N ASN A 493 -24.84 28.46 8.30
CA ASN A 493 -25.95 29.40 8.36
C ASN A 493 -27.26 28.70 8.05
N LYS A 494 -27.57 27.69 8.86
CA LYS A 494 -28.80 26.93 8.69
C LYS A 494 -28.91 26.20 7.35
N LYS A 495 -27.83 26.18 6.57
CA LYS A 495 -27.87 25.50 5.28
C LYS A 495 -26.88 24.32 5.22
N PRO A 496 -27.42 23.09 5.21
CA PRO A 496 -26.67 21.84 5.17
C PRO A 496 -25.80 21.66 3.93
N VAL A 497 -24.69 20.95 4.11
CA VAL A 497 -23.76 20.68 3.02
C VAL A 497 -23.59 19.19 2.79
N ASP A 498 -24.37 18.67 1.85
CA ASP A 498 -24.34 17.25 1.50
C ASP A 498 -22.97 16.57 1.62
N ALA A 499 -21.94 17.22 1.09
CA ALA A 499 -20.61 16.67 1.10
C ALA A 499 -19.82 16.95 2.36
N LEU A 500 -20.45 17.56 3.36
CA LEU A 500 -19.75 17.83 4.60
C LEU A 500 -20.18 16.90 5.73
N SER A 501 -21.16 16.05 5.45
CA SER A 501 -21.67 15.11 6.44
C SER A 501 -20.72 13.95 6.59
N PHE A 502 -20.65 13.38 7.79
CA PHE A 502 -19.77 12.25 8.04
C PHE A 502 -20.40 11.25 8.99
N ILE A 503 -19.89 10.02 8.95
CA ILE A 503 -20.39 8.95 9.79
C ILE A 503 -19.45 8.77 10.97
N VAL A 504 -19.95 9.00 12.17
CA VAL A 504 -19.14 8.88 13.38
C VAL A 504 -19.78 7.89 14.36
N HIS A 505 -18.98 7.34 15.27
CA HIS A 505 -19.56 6.43 16.25
C HIS A 505 -20.37 7.31 17.17
N ALA A 506 -21.56 6.84 17.54
CA ALA A 506 -22.45 7.59 18.41
C ALA A 506 -21.75 8.12 19.65
N ASP A 507 -20.92 7.29 20.27
CA ASP A 507 -20.26 7.77 21.47
C ASP A 507 -19.24 8.87 21.18
N ARG A 508 -18.52 8.79 20.06
CA ARG A 508 -17.52 9.82 19.72
C ARG A 508 -18.07 11.06 19.00
N ALA A 509 -19.37 11.06 18.71
CA ALA A 509 -20.04 12.16 18.01
C ALA A 509 -19.75 13.59 18.48
N GLN A 510 -20.01 13.88 19.75
CA GLN A 510 -19.79 15.20 20.32
C GLN A 510 -18.42 15.77 20.02
N LYS A 511 -17.40 14.96 20.25
CA LYS A 511 -16.04 15.38 20.01
C LYS A 511 -15.78 15.71 18.55
N PHE A 512 -16.20 14.84 17.65
CA PHE A 512 -16.00 15.12 16.24
C PHE A 512 -16.79 16.37 15.88
N ALA A 513 -18.00 16.48 16.43
CA ALA A 513 -18.84 17.63 16.18
C ALA A 513 -18.02 18.87 16.50
N ARG A 514 -17.49 18.94 17.71
CA ARG A 514 -16.67 20.07 18.11
C ARG A 514 -15.44 20.24 17.24
N ARG A 515 -14.63 19.20 17.10
CA ARG A 515 -13.44 19.32 16.27
C ARG A 515 -13.79 19.97 14.94
N VAL A 516 -14.53 19.23 14.10
CA VAL A 516 -14.94 19.70 12.79
C VAL A 516 -15.49 21.14 12.81
N ALA A 517 -16.18 21.49 13.89
CA ALA A 517 -16.74 22.84 14.00
C ALA A 517 -15.59 23.85 13.90
N GLU A 518 -14.60 23.71 14.77
CA GLU A 518 -13.44 24.61 14.79
C GLU A 518 -12.64 24.56 13.50
N LYS A 519 -12.49 23.37 12.93
CA LYS A 519 -11.73 23.24 11.70
C LYS A 519 -12.30 24.21 10.68
N LEU A 520 -13.63 24.31 10.64
CA LEU A 520 -14.29 25.19 9.71
C LEU A 520 -14.22 26.66 10.15
N ARG A 521 -14.38 26.90 11.45
CA ARG A 521 -14.31 28.25 11.98
C ARG A 521 -13.06 28.91 11.43
N GLU A 522 -12.06 28.10 11.15
CA GLU A 522 -10.80 28.59 10.62
C GLU A 522 -10.74 28.38 9.12
N THR A 523 -11.23 27.24 8.66
CA THR A 523 -11.21 26.90 7.24
C THR A 523 -12.03 27.84 6.35
N ILE A 524 -12.99 28.55 6.94
CA ILE A 524 -13.81 29.47 6.16
C ILE A 524 -13.21 30.88 6.16
N PRO A 525 -13.10 31.51 4.98
CA PRO A 525 -12.54 32.86 4.82
C PRO A 525 -13.54 33.96 5.18
N ARG A 526 -13.26 34.67 6.27
CA ARG A 526 -14.14 35.76 6.71
C ARG A 526 -14.68 36.61 5.57
N GLN A 527 -16.01 36.57 5.42
CA GLN A 527 -16.69 37.35 4.40
C GLN A 527 -17.51 38.45 5.11
N LEU A 528 -18.48 39.03 4.41
CA LEU A 528 -19.29 40.10 5.00
C LEU A 528 -20.05 39.72 6.28
N PHE A 529 -21.20 39.05 6.13
CA PHE A 529 -22.03 38.67 7.28
C PHE A 529 -21.33 37.77 8.32
N GLU A 530 -22.14 37.21 9.21
CA GLU A 530 -21.64 36.32 10.26
C GLU A 530 -21.82 34.88 9.83
N VAL A 531 -20.71 34.14 9.71
CA VAL A 531 -20.75 32.75 9.30
C VAL A 531 -21.01 31.81 10.49
N HIS A 532 -22.24 31.33 10.60
CA HIS A 532 -22.63 30.44 11.67
C HIS A 532 -22.45 29.01 11.16
N ILE A 533 -21.85 28.17 11.99
CA ILE A 533 -21.65 26.78 11.60
C ILE A 533 -22.23 25.87 12.68
N GLN A 534 -23.01 24.89 12.23
CA GLN A 534 -23.67 23.96 13.15
C GLN A 534 -23.51 22.51 12.72
N VAL A 535 -23.22 21.65 13.68
CA VAL A 535 -23.09 20.22 13.43
C VAL A 535 -24.33 19.61 14.06
N ALA A 536 -25.04 18.79 13.29
CA ALA A 536 -26.26 18.20 13.79
C ALA A 536 -26.31 16.69 13.82
N LYS A 537 -27.06 16.18 14.79
CA LYS A 537 -27.28 14.76 14.97
C LYS A 537 -28.76 14.54 14.74
N GLY A 538 -29.12 14.30 13.47
CA GLY A 538 -30.51 14.09 13.15
C GLY A 538 -31.32 15.17 13.81
N GLY A 539 -31.34 16.35 13.21
CA GLY A 539 -32.09 17.47 13.76
C GLY A 539 -31.39 18.19 14.90
N LYS A 540 -31.10 17.46 15.98
CA LYS A 540 -30.45 18.05 17.14
C LYS A 540 -29.09 18.66 16.82
N VAL A 541 -28.82 19.85 17.37
CA VAL A 541 -27.53 20.51 17.17
C VAL A 541 -26.66 20.19 18.37
N ILE A 542 -25.46 19.67 18.10
CA ILE A 542 -24.53 19.29 19.15
C ILE A 542 -23.22 20.08 19.14
N ALA A 543 -23.07 20.95 18.16
CA ALA A 543 -21.87 21.77 18.05
C ALA A 543 -22.18 23.01 17.24
N SER A 544 -21.60 24.12 17.64
CA SER A 544 -21.79 25.41 16.98
C SER A 544 -20.48 26.17 16.95
N GLU A 545 -20.35 27.03 15.94
CA GLU A 545 -19.14 27.83 15.79
C GLU A 545 -19.49 28.97 14.85
N ARG A 546 -19.54 30.17 15.40
CA ARG A 546 -19.87 31.35 14.62
C ARG A 546 -18.76 32.38 14.60
N ILE A 547 -18.15 32.56 13.43
CA ILE A 547 -17.07 33.54 13.27
C ILE A 547 -17.65 34.84 12.70
N LYS A 548 -17.69 35.87 13.54
CA LYS A 548 -18.24 37.19 13.21
C LYS A 548 -17.94 37.73 11.80
N PRO A 549 -18.76 38.72 11.34
CA PRO A 549 -18.71 39.41 10.05
C PRO A 549 -17.38 39.70 9.35
N LEU A 550 -17.37 40.79 8.57
CA LEU A 550 -16.20 41.21 7.84
C LEU A 550 -15.60 42.45 8.51
N ARG A 551 -14.43 42.29 9.10
CA ARG A 551 -13.73 43.37 9.79
C ARG A 551 -14.62 44.10 10.81
PG GTP B . 11.83 4.64 1.25
O1G GTP B . 10.93 5.68 1.81
O2G GTP B . 12.00 4.80 -0.35
O3G GTP B . 11.28 3.16 1.51
O3B GTP B . 13.31 4.70 1.88
PB GTP B . 14.35 3.52 1.54
O1B GTP B . 13.94 2.32 2.30
O2B GTP B . 14.47 3.41 0.07
O3A GTP B . 15.74 4.07 2.16
PA GTP B . 16.70 5.04 1.30
O1A GTP B . 17.58 4.18 0.47
O2A GTP B . 15.87 6.05 0.63
O5' GTP B . 17.60 5.75 2.42
C5' GTP B . 17.04 6.79 3.23
C4' GTP B . 18.14 7.60 3.93
O4' GTP B . 19.01 6.68 4.60
C3' GTP B . 18.99 8.28 2.84
O3' GTP B . 19.68 9.39 3.42
C2' GTP B . 19.97 7.15 2.54
O2' GTP B . 21.12 7.69 1.88
C1' GTP B . 20.31 6.82 3.98
N9 GTP B . 21.14 5.59 4.11
C8 GTP B . 20.96 4.44 3.45
N7 GTP B . 21.90 3.58 3.81
C5 GTP B . 22.69 4.18 4.70
C6 GTP B . 23.82 3.76 5.40
O6 GTP B . 24.27 2.63 5.25
N1 GTP B . 24.43 4.65 6.29
C2 GTP B . 23.89 5.95 6.44
N2 GTP B . 24.47 6.81 7.27
N3 GTP B . 22.80 6.30 5.75
C4 GTP B . 22.19 5.46 4.90
#